data_5NZ6
#
_entry.id   5NZ6
#
_cell.length_a   83.560
_cell.length_b   83.560
_cell.length_c   98.814
_cell.angle_alpha   90.00
_cell.angle_beta   90.00
_cell.angle_gamma   120.00
#
_symmetry.space_group_name_H-M   'P 32 1 2'
#
loop_
_entity.id
_entity.type
_entity.pdbx_description
1 polymer 'RNA (41-MER)'
2 non-polymer GUANIDINE
#
_entity_poly.entity_id   1
_entity_poly.type   'polyribonucleotide'
_entity_poly.pdbx_seq_one_letter_code
;C(CBV)GGACGAGGUGCGCCGUACCCGGUCACGACAAGACGG(CBV)GC
;
_entity_poly.pdbx_strand_id   A
#